data_1MZR
#
_entry.id   1MZR
#
_cell.length_a   139.177
_cell.length_b   145.697
_cell.length_c   79.511
_cell.angle_alpha   90.00
_cell.angle_beta   90.00
_cell.angle_gamma   90.00
#
_symmetry.space_group_name_H-M   'C 2 2 21'
#
loop_
_entity.id
_entity.type
_entity.pdbx_description
1 polymer '2,5-diketo-D-gluconate reductase A'
2 non-polymer 'PHOSPHATE ION'
3 non-polymer GLYCEROL
4 water water
#
_entity_poly.entity_id   1
_entity_poly.type   'polypeptide(L)'
_entity_poly.pdbx_seq_one_letter_code
;MSYYHHHHHHLESTSLYKKAGLANPTVIKLQDGNVMPQLGLGVWQASNEEVITAIQKALEVGYRSIDTAAAYKNEEGVGK
ALKNASVNREELFITTKLWNDDHKRPREALLDSLKKLQLDYIDLYLMHWPVPAIDHYVEAWKGMIELQKEGLIKSIGVCN
FQIHHLQRLIDETGVTPVINQIELHPLMQQRQLHAWNATHKIQTESWSPLAQGGKGVFDQKVIRDLADKYGKTPAQIVIR
WHLDSGLVVIPKSVTPSRIAENFDVWDFRLDKDELGEIAKLDQGKRLGPDPDQFGG
;
_entity_poly.pdbx_strand_id   A,B
#
loop_
_chem_comp.id
_chem_comp.type
_chem_comp.name
_chem_comp.formula
GOL non-polymer GLYCEROL 'C3 H8 O3'
PO4 non-polymer 'PHOSPHATE ION' 'O4 P -3'
#
# COMPACT_ATOMS: atom_id res chain seq x y z
N ALA A 23 36.99 8.89 -13.21
CA ALA A 23 36.41 10.25 -13.07
C ALA A 23 36.65 10.84 -11.68
N ASN A 24 36.54 12.16 -11.59
CA ASN A 24 36.74 12.83 -10.31
C ASN A 24 35.40 13.10 -9.64
N PRO A 25 35.37 13.10 -8.30
CA PRO A 25 34.11 13.37 -7.61
C PRO A 25 33.58 14.72 -8.11
N THR A 26 32.29 14.78 -8.43
CA THR A 26 31.72 16.01 -8.93
C THR A 26 31.38 17.01 -7.83
N VAL A 27 31.29 18.28 -8.20
CA VAL A 27 30.90 19.32 -7.27
C VAL A 27 29.69 20.02 -7.86
N ILE A 28 28.93 20.70 -7.01
CA ILE A 28 27.74 21.41 -7.43
C ILE A 28 27.90 22.89 -7.06
N LYS A 29 27.54 23.79 -7.97
CA LYS A 29 27.63 25.21 -7.69
C LYS A 29 26.28 25.64 -7.15
N LEU A 30 26.27 26.19 -5.95
CA LEU A 30 25.02 26.63 -5.35
C LEU A 30 24.64 27.98 -5.95
N GLN A 31 23.38 28.36 -5.79
CA GLN A 31 22.84 29.61 -6.32
C GLN A 31 23.56 30.87 -5.84
N ASP A 32 24.26 30.77 -4.71
CA ASP A 32 24.96 31.93 -4.17
C ASP A 32 26.41 31.97 -4.67
N GLY A 33 26.74 31.07 -5.58
CA GLY A 33 28.08 31.03 -6.12
C GLY A 33 29.06 30.09 -5.42
N ASN A 34 28.71 29.62 -4.22
CA ASN A 34 29.60 28.71 -3.50
C ASN A 34 29.55 27.33 -4.13
N VAL A 35 30.64 26.57 -4.01
CA VAL A 35 30.72 25.23 -4.59
C VAL A 35 30.69 24.16 -3.51
N MET A 36 29.95 23.09 -3.77
CA MET A 36 29.80 22.03 -2.78
C MET A 36 29.99 20.64 -3.39
N PRO A 37 30.72 19.75 -2.69
CA PRO A 37 30.93 18.39 -3.21
C PRO A 37 29.54 17.75 -3.32
N GLN A 38 29.27 17.02 -4.38
CA GLN A 38 27.96 16.39 -4.54
C GLN A 38 27.71 15.18 -3.63
N LEU A 39 28.78 14.58 -3.13
CA LEU A 39 28.68 13.43 -2.24
C LEU A 39 29.41 13.76 -0.96
N GLY A 40 28.75 13.58 0.17
CA GLY A 40 29.36 13.84 1.46
C GLY A 40 29.03 12.76 2.47
N LEU A 41 29.66 12.82 3.63
CA LEU A 41 29.43 11.85 4.70
C LEU A 41 28.55 12.43 5.77
N GLY A 42 27.47 11.72 6.07
CA GLY A 42 26.58 12.15 7.11
C GLY A 42 26.99 11.50 8.42
N VAL A 43 27.05 12.30 9.47
CA VAL A 43 27.41 11.80 10.80
C VAL A 43 26.25 12.14 11.72
N TRP A 44 25.65 11.12 12.32
CA TRP A 44 24.52 11.34 13.21
C TRP A 44 24.85 11.05 14.68
N GLN A 45 23.92 10.42 15.36
CA GLN A 45 24.00 10.07 16.79
C GLN A 45 25.35 9.60 17.37
N ALA A 46 25.94 8.58 16.75
CA ALA A 46 27.22 7.97 17.16
C ALA A 46 28.08 8.60 18.28
N SER A 47 28.89 7.76 18.89
CA SER A 47 29.79 8.21 19.95
C SER A 47 31.01 8.87 19.30
N ASN A 48 31.79 9.57 20.12
CA ASN A 48 32.98 10.25 19.64
C ASN A 48 33.92 9.25 18.97
N GLU A 49 33.97 8.03 19.52
CA GLU A 49 34.84 6.99 18.95
C GLU A 49 34.45 6.71 17.51
N GLU A 50 33.17 6.41 17.31
CA GLU A 50 32.67 6.12 15.98
C GLU A 50 32.87 7.30 15.04
N VAL A 51 32.52 8.49 15.50
CA VAL A 51 32.65 9.71 14.70
C VAL A 51 34.07 9.99 14.23
N ILE A 52 35.03 10.02 15.14
CA ILE A 52 36.41 10.30 14.78
C ILE A 52 36.96 9.28 13.78
N THR A 53 36.67 8.01 14.01
CA THR A 53 37.14 6.96 13.12
C THR A 53 36.45 7.04 11.76
N ALA A 54 35.15 7.30 11.75
CA ALA A 54 34.40 7.40 10.50
C ALA A 54 34.94 8.52 9.63
N ILE A 55 35.16 9.69 10.22
CA ILE A 55 35.65 10.83 9.45
C ILE A 55 37.07 10.58 8.94
N GLN A 56 37.95 10.06 9.79
CA GLN A 56 39.31 9.78 9.35
C GLN A 56 39.25 8.88 8.11
N LYS A 57 38.40 7.86 8.16
CA LYS A 57 38.26 6.95 7.03
C LYS A 57 37.73 7.66 5.78
N ALA A 58 36.67 8.44 5.95
CA ALA A 58 36.08 9.18 4.83
C ALA A 58 37.04 10.18 4.16
N LEU A 59 37.75 10.97 4.95
CA LEU A 59 38.70 11.95 4.39
C LEU A 59 39.79 11.21 3.64
N GLU A 60 40.17 10.06 4.18
CA GLU A 60 41.21 9.24 3.57
C GLU A 60 40.78 8.70 2.20
N VAL A 61 39.53 8.26 2.09
CA VAL A 61 39.05 7.70 0.84
C VAL A 61 38.73 8.78 -0.21
N GLY A 62 38.51 10.01 0.23
CA GLY A 62 38.21 11.07 -0.73
C GLY A 62 37.08 12.05 -0.41
N TYR A 63 36.27 11.75 0.59
CA TYR A 63 35.17 12.66 0.95
C TYR A 63 35.74 14.02 1.30
N ARG A 64 35.09 15.08 0.83
CA ARG A 64 35.54 16.42 1.15
C ARG A 64 34.37 17.20 1.73
N SER A 65 33.27 16.48 1.96
CA SER A 65 32.07 17.09 2.52
C SER A 65 31.66 16.25 3.74
N ILE A 66 31.58 16.89 4.89
CA ILE A 66 31.18 16.25 6.15
C ILE A 66 29.94 16.97 6.68
N ASP A 67 28.89 16.21 6.98
CA ASP A 67 27.63 16.77 7.46
C ASP A 67 27.30 16.31 8.89
N THR A 68 27.15 17.26 9.80
CA THR A 68 26.83 16.94 11.19
C THR A 68 25.71 17.86 11.68
N ALA A 69 25.37 17.78 12.96
CA ALA A 69 24.31 18.63 13.52
C ALA A 69 24.54 18.85 15.02
N ALA A 70 24.20 20.03 15.51
CA ALA A 70 24.38 20.32 16.92
C ALA A 70 23.58 19.34 17.78
N ALA A 71 22.38 18.97 17.31
CA ALA A 71 21.54 18.06 18.08
C ALA A 71 22.15 16.69 18.31
N TYR A 72 23.15 16.32 17.52
CA TYR A 72 23.75 15.01 17.70
C TYR A 72 24.80 14.97 18.80
N LYS A 73 25.13 16.13 19.34
CA LYS A 73 26.10 16.21 20.44
C LYS A 73 27.49 15.64 20.18
N ASN A 74 27.94 15.61 18.92
CA ASN A 74 29.27 15.10 18.64
C ASN A 74 30.09 16.02 17.74
N GLU A 75 29.76 17.31 17.75
CA GLU A 75 30.49 18.27 16.97
C GLU A 75 31.94 18.35 17.46
N GLU A 76 32.14 18.15 18.76
CA GLU A 76 33.49 18.18 19.32
C GLU A 76 34.33 17.06 18.72
N GLY A 77 33.72 15.88 18.60
CA GLY A 77 34.42 14.76 18.01
C GLY A 77 34.73 15.04 16.55
N VAL A 78 33.78 15.67 15.86
CA VAL A 78 33.97 16.02 14.46
C VAL A 78 35.09 17.04 14.33
N GLY A 79 35.11 18.00 15.24
CA GLY A 79 36.13 19.03 15.23
C GLY A 79 37.51 18.42 15.42
N LYS A 80 37.63 17.49 16.36
CA LYS A 80 38.90 16.83 16.63
C LYS A 80 39.38 16.02 15.44
N ALA A 81 38.44 15.39 14.74
CA ALA A 81 38.82 14.59 13.57
C ALA A 81 39.34 15.50 12.47
N LEU A 82 38.77 16.70 12.33
CA LEU A 82 39.22 17.62 11.28
C LEU A 82 40.63 18.13 11.57
N LYS A 83 40.93 18.42 12.84
CA LYS A 83 42.27 18.88 13.19
C LYS A 83 43.27 17.79 12.81
N ASN A 84 43.04 16.59 13.35
CA ASN A 84 43.89 15.42 13.12
C ASN A 84 44.15 15.15 11.64
N ALA A 85 43.18 15.49 10.81
CA ALA A 85 43.28 15.27 9.37
C ALA A 85 44.35 16.16 8.75
N SER A 86 44.81 15.79 7.56
CA SER A 86 45.82 16.57 6.85
C SER A 86 45.17 17.53 5.87
N VAL A 87 43.99 17.16 5.36
CA VAL A 87 43.26 17.98 4.42
C VAL A 87 43.18 19.40 4.99
N ASN A 88 43.36 20.41 4.14
CA ASN A 88 43.31 21.80 4.59
C ASN A 88 41.86 22.24 4.78
N ARG A 89 41.63 23.12 5.74
CA ARG A 89 40.30 23.64 6.01
C ARG A 89 39.62 24.08 4.72
N GLU A 90 40.29 24.97 3.99
CA GLU A 90 39.75 25.50 2.74
C GLU A 90 39.28 24.44 1.75
N GLU A 91 39.78 23.21 1.89
CA GLU A 91 39.40 22.13 1.00
C GLU A 91 38.19 21.35 1.54
N LEU A 92 37.82 21.62 2.78
CA LEU A 92 36.71 20.93 3.41
C LEU A 92 35.40 21.72 3.40
N PHE A 93 34.32 20.99 3.15
CA PHE A 93 33.00 21.58 3.15
C PHE A 93 32.28 21.00 4.36
N ILE A 94 32.20 21.79 5.41
CA ILE A 94 31.58 21.35 6.64
C ILE A 94 30.19 21.93 6.81
N THR A 95 29.23 21.07 7.14
CA THR A 95 27.84 21.47 7.35
C THR A 95 27.42 21.12 8.77
N THR A 96 26.74 22.04 9.45
CA THR A 96 26.20 21.71 10.76
C THR A 96 24.82 22.34 10.78
N LYS A 97 24.05 22.07 11.82
CA LYS A 97 22.68 22.57 11.83
C LYS A 97 22.19 23.17 13.14
N LEU A 98 21.28 24.14 13.00
CA LEU A 98 20.65 24.85 14.12
C LEU A 98 19.53 24.00 14.70
N TRP A 99 19.65 23.62 15.98
CA TRP A 99 18.64 22.79 16.61
C TRP A 99 17.30 23.51 16.87
N ASN A 100 16.23 22.72 16.94
CA ASN A 100 14.89 23.23 17.14
C ASN A 100 14.68 24.28 18.23
N ASP A 101 15.18 24.03 19.43
CA ASP A 101 14.96 25.01 20.48
C ASP A 101 15.92 26.18 20.49
N ASP A 102 16.61 26.40 19.37
CA ASP A 102 17.53 27.54 19.28
C ASP A 102 17.11 28.52 18.19
N HIS A 103 15.93 28.29 17.60
CA HIS A 103 15.46 29.17 16.54
C HIS A 103 15.49 30.65 16.86
N LYS A 104 15.26 31.01 18.12
CA LYS A 104 15.27 32.42 18.50
C LYS A 104 16.67 32.94 18.81
N ARG A 105 17.64 32.05 18.96
CA ARG A 105 19.02 32.47 19.27
C ARG A 105 20.05 31.79 18.34
N PRO A 106 19.93 32.01 17.03
CA PRO A 106 20.89 31.39 16.11
C PRO A 106 22.36 31.78 16.31
N ARG A 107 22.61 33.04 16.68
CA ARG A 107 23.98 33.51 16.91
C ARG A 107 24.65 32.70 18.02
N GLU A 108 23.96 32.56 19.15
CA GLU A 108 24.46 31.79 20.29
C GLU A 108 24.70 30.33 19.91
N ALA A 109 23.79 29.75 19.13
CA ALA A 109 23.91 28.34 18.71
C ALA A 109 25.08 28.12 17.75
N LEU A 110 25.21 29.03 16.78
CA LEU A 110 26.28 28.93 15.78
C LEU A 110 27.67 29.03 16.40
N LEU A 111 27.86 30.02 17.28
CA LEU A 111 29.15 30.21 17.95
C LEU A 111 29.47 28.99 18.80
N ASP A 112 28.44 28.43 19.43
CA ASP A 112 28.63 27.23 20.24
C ASP A 112 29.10 26.09 19.32
N SER A 113 28.52 26.01 18.12
CA SER A 113 28.90 24.97 17.15
C SER A 113 30.30 25.19 16.66
N LEU A 114 30.57 26.39 16.17
CA LEU A 114 31.89 26.75 15.67
C LEU A 114 32.97 26.45 16.73
N LYS A 115 32.64 26.70 18.00
CA LYS A 115 33.59 26.46 19.07
C LYS A 115 33.85 24.96 19.20
N LYS A 116 32.79 24.16 19.26
CA LYS A 116 32.96 22.72 19.38
C LYS A 116 33.65 22.13 18.17
N LEU A 117 33.34 22.65 16.98
CA LEU A 117 33.94 22.17 15.75
C LEU A 117 35.36 22.73 15.56
N GLN A 118 35.72 23.72 16.37
CA GLN A 118 37.03 24.35 16.26
C GLN A 118 37.23 24.98 14.89
N LEU A 119 36.22 25.70 14.41
CA LEU A 119 36.29 26.35 13.11
C LEU A 119 36.01 27.84 13.30
N ASP A 120 36.37 28.66 12.32
CA ASP A 120 36.13 30.10 12.43
C ASP A 120 34.85 30.38 11.67
N TYR A 121 34.50 29.48 10.76
CA TYR A 121 33.31 29.62 9.94
C TYR A 121 32.78 28.24 9.49
N ILE A 122 31.50 28.20 9.12
CA ILE A 122 30.90 26.96 8.66
C ILE A 122 30.60 27.17 7.17
N ASP A 123 30.74 26.13 6.37
CA ASP A 123 30.49 26.26 4.94
C ASP A 123 29.02 26.31 4.57
N LEU A 124 28.21 25.61 5.36
CA LEU A 124 26.78 25.55 5.14
C LEU A 124 26.08 25.43 6.48
N TYR A 125 25.18 26.36 6.77
CA TYR A 125 24.46 26.29 8.02
C TYR A 125 23.00 26.05 7.64
N LEU A 126 22.42 24.99 8.21
CA LEU A 126 21.05 24.58 7.90
C LEU A 126 20.14 24.57 9.12
N MET A 127 18.89 24.98 8.92
CA MET A 127 17.94 24.93 10.02
C MET A 127 17.56 23.46 10.00
N HIS A 128 17.69 22.78 11.13
CA HIS A 128 17.39 21.35 11.21
C HIS A 128 15.94 20.98 10.87
N TRP A 129 14.97 21.70 11.43
CA TRP A 129 13.54 21.46 11.15
C TRP A 129 12.79 22.78 11.22
N PRO A 130 11.67 22.88 10.50
CA PRO A 130 10.95 24.15 10.58
C PRO A 130 10.13 24.26 11.88
N VAL A 131 9.69 23.13 12.39
CA VAL A 131 8.89 23.10 13.62
C VAL A 131 7.76 24.15 13.49
N PRO A 132 6.88 23.98 12.48
CA PRO A 132 5.77 24.91 12.26
C PRO A 132 4.87 25.13 13.48
N ALA A 133 4.80 24.15 14.38
CA ALA A 133 3.97 24.29 15.58
C ALA A 133 4.45 25.46 16.45
N ILE A 134 5.77 25.66 16.54
CA ILE A 134 6.34 26.74 17.34
C ILE A 134 6.35 28.02 16.51
N ASP A 135 6.61 27.86 15.22
CA ASP A 135 6.63 28.98 14.30
C ASP A 135 7.65 30.08 14.64
N HIS A 136 8.91 29.70 14.72
CA HIS A 136 9.99 30.66 14.98
C HIS A 136 11.03 30.47 13.88
N TYR A 137 10.67 29.72 12.84
CA TYR A 137 11.63 29.45 11.79
C TYR A 137 11.96 30.68 10.95
N VAL A 138 11.05 31.64 10.90
CA VAL A 138 11.32 32.86 10.17
C VAL A 138 12.38 33.64 10.96
N GLU A 139 12.22 33.70 12.27
CA GLU A 139 13.17 34.39 13.14
C GLU A 139 14.55 33.78 13.00
N ALA A 140 14.59 32.46 12.97
CA ALA A 140 15.84 31.74 12.83
C ALA A 140 16.53 32.15 11.52
N TRP A 141 15.77 32.17 10.44
CA TRP A 141 16.30 32.50 9.12
C TRP A 141 16.86 33.92 9.04
N LYS A 142 16.15 34.87 9.65
CA LYS A 142 16.61 36.26 9.63
C LYS A 142 17.94 36.33 10.37
N GLY A 143 18.04 35.59 11.46
CA GLY A 143 19.27 35.57 12.23
C GLY A 143 20.39 34.94 11.41
N MET A 144 20.06 33.87 10.68
CA MET A 144 21.06 33.19 9.86
C MET A 144 21.53 34.10 8.74
N ILE A 145 20.64 34.95 8.26
CA ILE A 145 20.95 35.89 7.20
C ILE A 145 21.97 36.92 7.70
N GLU A 146 21.88 37.24 8.98
CA GLU A 146 22.78 38.20 9.61
C GLU A 146 24.14 37.59 9.94
N LEU A 147 24.15 36.32 10.32
CA LEU A 147 25.39 35.65 10.63
C LEU A 147 26.15 35.44 9.33
N GLN A 148 25.42 35.27 8.23
CA GLN A 148 26.05 35.07 6.92
C GLN A 148 26.72 36.36 6.47
N LYS A 149 26.08 37.49 6.73
CA LYS A 149 26.65 38.78 6.34
C LYS A 149 27.98 39.01 7.05
N GLU A 150 28.07 38.59 8.30
CA GLU A 150 29.26 38.72 9.12
C GLU A 150 30.32 37.69 8.76
N GLY A 151 30.09 36.95 7.69
CA GLY A 151 31.04 35.96 7.23
C GLY A 151 31.22 34.69 8.06
N LEU A 152 30.41 34.50 9.09
CA LEU A 152 30.53 33.30 9.93
C LEU A 152 29.97 32.06 9.23
N ILE A 153 29.19 32.29 8.18
CA ILE A 153 28.58 31.22 7.41
C ILE A 153 28.79 31.57 5.95
N LYS A 154 29.22 30.61 5.15
CA LYS A 154 29.38 30.89 3.72
C LYS A 154 27.99 30.81 3.07
N SER A 155 27.33 29.65 3.21
CA SER A 155 26.00 29.45 2.64
C SER A 155 24.96 29.04 3.68
N ILE A 156 23.72 29.50 3.52
CA ILE A 156 22.65 29.13 4.45
C ILE A 156 21.56 28.35 3.72
N GLY A 157 20.95 27.40 4.43
CA GLY A 157 19.92 26.58 3.86
C GLY A 157 19.06 25.96 4.95
N VAL A 158 18.19 25.03 4.58
CA VAL A 158 17.31 24.38 5.52
C VAL A 158 17.22 22.87 5.30
N CYS A 159 16.64 22.20 6.29
CA CYS A 159 16.42 20.76 6.22
C CYS A 159 14.93 20.54 6.44
N ASN A 160 14.37 19.53 5.78
CA ASN A 160 12.98 19.18 5.98
C ASN A 160 11.98 20.33 5.85
N PHE A 161 12.20 21.20 4.88
CA PHE A 161 11.27 22.31 4.63
C PHE A 161 10.33 21.95 3.51
N GLN A 162 9.03 22.14 3.74
CA GLN A 162 8.02 21.86 2.72
C GLN A 162 7.85 23.14 1.90
N ILE A 163 7.21 23.00 0.75
CA ILE A 163 6.99 24.15 -0.11
C ILE A 163 6.45 25.40 0.61
N HIS A 164 5.42 25.25 1.45
CA HIS A 164 4.87 26.41 2.11
C HIS A 164 5.82 27.05 3.13
N HIS A 165 6.71 26.24 3.69
CA HIS A 165 7.68 26.76 4.64
C HIS A 165 8.66 27.63 3.85
N LEU A 166 9.07 27.14 2.68
CA LEU A 166 10.00 27.86 1.81
C LEU A 166 9.40 29.19 1.35
N GLN A 167 8.14 29.17 0.88
CA GLN A 167 7.48 30.40 0.44
C GLN A 167 7.44 31.44 1.54
N ARG A 168 7.10 31.00 2.75
CA ARG A 168 7.05 31.90 3.91
C ARG A 168 8.41 32.58 4.10
N LEU A 169 9.50 31.83 3.95
CA LEU A 169 10.83 32.43 4.14
C LEU A 169 11.09 33.46 3.05
N ILE A 170 10.78 33.09 1.81
CA ILE A 170 10.98 33.95 0.67
C ILE A 170 10.12 35.22 0.83
N ASP A 171 8.82 35.02 1.03
CA ASP A 171 7.92 36.16 1.19
C ASP A 171 8.36 37.12 2.30
N GLU A 172 8.84 36.58 3.42
CA GLU A 172 9.21 37.45 4.53
C GLU A 172 10.62 38.00 4.59
N THR A 173 11.56 37.46 3.82
CA THR A 173 12.94 37.96 3.87
C THR A 173 13.55 38.25 2.51
N GLY A 174 12.95 37.71 1.45
CA GLY A 174 13.49 37.91 0.12
C GLY A 174 14.73 37.06 -0.07
N VAL A 175 15.13 36.30 0.96
CA VAL A 175 16.31 35.45 0.86
C VAL A 175 15.98 33.96 0.78
N THR A 176 16.32 33.36 -0.35
CA THR A 176 16.04 31.95 -0.60
C THR A 176 17.17 31.04 -0.19
N PRO A 177 16.82 29.88 0.40
CA PRO A 177 17.85 28.92 0.81
C PRO A 177 18.58 28.39 -0.42
N VAL A 178 19.86 28.06 -0.28
CA VAL A 178 20.59 27.50 -1.42
C VAL A 178 20.50 25.97 -1.37
N ILE A 179 20.08 25.45 -0.23
CA ILE A 179 19.96 24.01 -0.02
C ILE A 179 18.71 23.68 0.80
N ASN A 180 18.01 22.61 0.42
CA ASN A 180 16.87 22.09 1.19
C ASN A 180 17.23 20.60 1.32
N GLN A 181 17.72 20.21 2.50
CA GLN A 181 18.10 18.83 2.77
C GLN A 181 16.91 18.04 3.28
N ILE A 182 16.41 17.12 2.46
CA ILE A 182 15.22 16.35 2.79
C ILE A 182 15.37 14.84 2.64
N GLU A 183 14.46 14.08 3.25
CA GLU A 183 14.50 12.63 3.13
C GLU A 183 14.12 12.31 1.69
N LEU A 184 14.99 11.60 0.99
CA LEU A 184 14.72 11.27 -0.39
C LEU A 184 15.47 10.00 -0.74
N HIS A 185 14.73 9.01 -1.25
CA HIS A 185 15.30 7.71 -1.63
C HIS A 185 14.36 7.06 -2.65
N PRO A 186 14.72 5.87 -3.17
CA PRO A 186 13.87 5.22 -4.16
C PRO A 186 12.40 5.02 -3.79
N LEU A 187 12.09 4.93 -2.50
CA LEU A 187 10.69 4.74 -2.07
C LEU A 187 9.91 6.05 -1.88
N MET A 188 10.63 7.17 -1.83
CA MET A 188 10.02 8.50 -1.72
C MET A 188 10.91 9.48 -2.47
N GLN A 189 10.67 9.54 -3.78
CA GLN A 189 11.48 10.35 -4.67
C GLN A 189 11.25 11.87 -4.67
N GLN A 190 10.23 12.30 -3.93
CA GLN A 190 9.92 13.73 -3.79
C GLN A 190 10.00 14.50 -5.13
N ARG A 191 9.37 13.97 -6.17
CA ARG A 191 9.41 14.63 -7.47
C ARG A 191 8.92 16.06 -7.38
N GLN A 192 7.85 16.26 -6.62
CA GLN A 192 7.25 17.57 -6.46
C GLN A 192 8.13 18.61 -5.75
N LEU A 193 8.59 18.30 -4.54
CA LEU A 193 9.44 19.23 -3.78
C LEU A 193 10.76 19.45 -4.52
N HIS A 194 11.27 18.37 -5.12
CA HIS A 194 12.50 18.44 -5.88
C HIS A 194 12.30 19.45 -7.02
N ALA A 195 11.19 19.32 -7.73
CA ALA A 195 10.88 20.22 -8.85
C ALA A 195 10.75 21.66 -8.39
N TRP A 196 10.03 21.86 -7.28
CA TRP A 196 9.82 23.19 -6.74
C TRP A 196 11.14 23.83 -6.27
N ASN A 197 12.00 23.03 -5.62
CA ASN A 197 13.30 23.50 -5.14
C ASN A 197 14.08 24.04 -6.34
N ALA A 198 14.21 23.19 -7.36
CA ALA A 198 14.96 23.54 -8.56
C ALA A 198 14.44 24.82 -9.22
N THR A 199 13.12 24.93 -9.36
CA THR A 199 12.51 26.10 -9.98
C THR A 199 12.86 27.37 -9.24
N HIS A 200 13.12 27.26 -7.95
CA HIS A 200 13.47 28.41 -7.14
C HIS A 200 14.95 28.47 -6.83
N LYS A 201 15.74 27.81 -7.67
CA LYS A 201 17.18 27.78 -7.49
C LYS A 201 17.63 27.28 -6.12
N ILE A 202 16.92 26.28 -5.61
CA ILE A 202 17.26 25.67 -4.34
C ILE A 202 17.78 24.29 -4.71
N GLN A 203 18.97 23.96 -4.21
CA GLN A 203 19.57 22.66 -4.50
C GLN A 203 19.06 21.62 -3.52
N THR A 204 18.46 20.58 -4.06
CA THR A 204 17.91 19.48 -3.26
C THR A 204 19.04 18.56 -2.78
N GLU A 205 19.07 18.29 -1.48
CA GLU A 205 20.07 17.41 -0.89
C GLU A 205 19.36 16.24 -0.17
N SER A 206 19.76 15.01 -0.46
CA SER A 206 19.11 13.83 0.13
C SER A 206 19.69 13.28 1.41
N TRP A 207 18.88 13.15 2.46
CA TRP A 207 19.38 12.46 3.64
C TRP A 207 18.63 11.12 3.63
N SER A 208 19.22 10.10 4.25
CA SER A 208 18.63 8.76 4.24
C SER A 208 18.48 8.36 2.76
N PRO A 209 19.54 8.59 1.96
CA PRO A 209 19.47 8.25 0.53
C PRO A 209 19.30 6.76 0.25
N LEU A 210 19.69 5.91 1.19
CA LEU A 210 19.54 4.47 1.00
C LEU A 210 18.27 3.92 1.61
N ALA A 211 17.30 4.80 1.88
CA ALA A 211 16.04 4.37 2.48
C ALA A 211 16.30 3.57 3.74
N GLN A 212 17.16 4.12 4.60
CA GLN A 212 17.50 3.49 5.87
C GLN A 212 17.59 1.98 5.75
N GLY A 213 18.73 1.48 5.28
CA GLY A 213 18.89 0.04 5.19
C GLY A 213 18.70 -0.61 3.83
N GLY A 214 17.85 -0.05 2.98
CA GLY A 214 17.65 -0.63 1.66
C GLY A 214 16.46 -1.55 1.59
N LYS A 215 15.78 -1.73 2.72
CA LYS A 215 14.61 -2.58 2.80
C LYS A 215 13.58 -2.11 1.76
N GLY A 216 13.21 -3.01 0.85
CA GLY A 216 12.25 -2.65 -0.19
C GLY A 216 12.89 -1.95 -1.38
N VAL A 217 14.22 -1.91 -1.38
CA VAL A 217 14.95 -1.28 -2.47
C VAL A 217 16.06 -2.21 -3.00
N PHE A 218 17.03 -2.52 -2.14
CA PHE A 218 18.14 -3.37 -2.57
C PHE A 218 17.63 -4.70 -3.12
N ASP A 219 16.52 -5.18 -2.57
CA ASP A 219 15.92 -6.46 -2.98
C ASP A 219 15.06 -6.38 -4.24
N GLN A 220 14.97 -5.20 -4.85
CA GLN A 220 14.15 -5.04 -6.06
C GLN A 220 14.90 -5.49 -7.31
N LYS A 221 14.18 -6.13 -8.22
CA LYS A 221 14.77 -6.64 -9.44
C LYS A 221 15.52 -5.56 -10.23
N VAL A 222 14.93 -4.37 -10.33
CA VAL A 222 15.57 -3.29 -11.05
C VAL A 222 16.95 -2.97 -10.45
N ILE A 223 17.02 -2.89 -9.13
CA ILE A 223 18.28 -2.57 -8.47
C ILE A 223 19.26 -3.74 -8.59
N ARG A 224 18.80 -4.96 -8.34
CA ARG A 224 19.67 -6.14 -8.39
C ARG A 224 20.32 -6.33 -9.77
N ASP A 225 19.52 -6.21 -10.83
CA ASP A 225 20.05 -6.37 -12.18
C ASP A 225 21.07 -5.26 -12.46
N LEU A 226 20.76 -4.05 -12.00
CA LEU A 226 21.66 -2.91 -12.19
C LEU A 226 22.98 -3.22 -11.47
N ALA A 227 22.86 -3.72 -10.24
CA ALA A 227 24.03 -4.08 -9.44
C ALA A 227 24.91 -5.10 -10.15
N ASP A 228 24.28 -6.06 -10.82
CA ASP A 228 25.02 -7.09 -11.53
C ASP A 228 25.59 -6.61 -12.87
N LYS A 229 24.86 -5.72 -13.55
CA LYS A 229 25.34 -5.19 -14.82
C LYS A 229 26.59 -4.33 -14.62
N TYR A 230 26.61 -3.56 -13.54
CA TYR A 230 27.73 -2.68 -13.27
C TYR A 230 28.76 -3.21 -12.29
N GLY A 231 28.46 -4.35 -11.67
CA GLY A 231 29.39 -4.93 -10.71
C GLY A 231 29.50 -4.05 -9.49
N LYS A 232 28.38 -3.49 -9.07
CA LYS A 232 28.34 -2.61 -7.91
C LYS A 232 27.37 -3.17 -6.89
N THR A 233 27.48 -2.68 -5.66
CA THR A 233 26.56 -3.09 -4.61
C THR A 233 25.27 -2.31 -4.84
N PRO A 234 24.14 -2.80 -4.31
CA PRO A 234 22.88 -2.08 -4.50
C PRO A 234 22.99 -0.65 -3.96
N ALA A 235 23.68 -0.47 -2.85
CA ALA A 235 23.84 0.85 -2.26
C ALA A 235 24.60 1.77 -3.23
N GLN A 236 25.57 1.21 -3.93
CA GLN A 236 26.33 1.98 -4.90
C GLN A 236 25.42 2.37 -6.07
N ILE A 237 24.51 1.48 -6.46
CA ILE A 237 23.59 1.77 -7.56
C ILE A 237 22.65 2.91 -7.16
N VAL A 238 22.11 2.84 -5.94
CA VAL A 238 21.21 3.84 -5.42
C VAL A 238 21.89 5.21 -5.24
N ILE A 239 23.13 5.21 -4.79
CA ILE A 239 23.83 6.48 -4.64
C ILE A 239 24.07 7.10 -6.01
N ARG A 240 24.43 6.27 -6.99
CA ARG A 240 24.67 6.77 -8.34
C ARG A 240 23.38 7.38 -8.87
N TRP A 241 22.26 6.77 -8.49
CA TRP A 241 20.94 7.24 -8.90
C TRP A 241 20.73 8.67 -8.42
N HIS A 242 21.05 8.93 -7.15
CA HIS A 242 20.91 10.28 -6.61
C HIS A 242 21.79 11.24 -7.41
N LEU A 243 23.03 10.84 -7.68
CA LEU A 243 23.97 11.68 -8.41
C LEU A 243 23.45 12.02 -9.80
N ASP A 244 23.10 11.00 -10.58
CA ASP A 244 22.60 11.22 -11.94
C ASP A 244 21.24 11.92 -11.98
N SER A 245 20.61 12.07 -10.82
CA SER A 245 19.32 12.77 -10.71
C SER A 245 19.61 14.25 -10.37
N GLY A 246 20.89 14.58 -10.25
CA GLY A 246 21.28 15.95 -9.95
C GLY A 246 21.11 16.33 -8.50
N LEU A 247 21.14 15.34 -7.61
CA LEU A 247 20.99 15.61 -6.19
C LEU A 247 22.31 15.60 -5.45
N VAL A 248 22.41 16.40 -4.39
CA VAL A 248 23.58 16.38 -3.54
C VAL A 248 23.17 15.24 -2.58
N VAL A 249 24.07 14.33 -2.24
CA VAL A 249 23.67 13.20 -1.40
C VAL A 249 24.58 12.95 -0.20
N ILE A 250 23.98 12.62 0.93
CA ILE A 250 24.72 12.42 2.18
C ILE A 250 24.51 11.05 2.86
N PRO A 251 25.02 9.97 2.27
CA PRO A 251 24.82 8.68 2.94
C PRO A 251 25.49 8.67 4.33
N LYS A 252 24.77 8.16 5.31
CA LYS A 252 25.26 8.09 6.68
C LYS A 252 25.84 6.72 6.99
N SER A 253 27.01 6.69 7.63
CA SER A 253 27.65 5.43 7.99
C SER A 253 28.88 5.63 8.85
N VAL A 254 29.10 4.70 9.77
CA VAL A 254 30.27 4.74 10.63
C VAL A 254 31.08 3.44 10.48
N THR A 255 30.71 2.64 9.48
CA THR A 255 31.39 1.37 9.19
C THR A 255 32.44 1.64 8.11
N PRO A 256 33.72 1.51 8.46
CA PRO A 256 34.81 1.74 7.49
C PRO A 256 34.60 1.21 6.08
N SER A 257 34.29 -0.09 5.93
CA SER A 257 34.12 -0.65 4.60
C SER A 257 32.95 -0.06 3.81
N ARG A 258 31.90 0.35 4.50
CA ARG A 258 30.75 0.94 3.81
C ARG A 258 30.96 2.42 3.46
N ILE A 259 31.78 3.10 4.25
CA ILE A 259 32.09 4.50 4.01
C ILE A 259 32.85 4.53 2.68
N ALA A 260 33.72 3.54 2.48
CA ALA A 260 34.52 3.45 1.26
C ALA A 260 33.67 3.02 0.07
N GLU A 261 32.85 1.99 0.29
CA GLU A 261 31.95 1.48 -0.75
C GLU A 261 31.06 2.59 -1.33
N ASN A 262 30.46 3.39 -0.45
CA ASN A 262 29.56 4.48 -0.85
C ASN A 262 30.24 5.57 -1.65
N PHE A 263 31.57 5.65 -1.58
CA PHE A 263 32.28 6.68 -2.33
C PHE A 263 32.76 6.17 -3.69
N ASP A 264 32.72 4.86 -3.88
CA ASP A 264 33.17 4.24 -5.12
C ASP A 264 32.01 4.21 -6.12
N VAL A 265 31.59 5.40 -6.55
CA VAL A 265 30.48 5.51 -7.49
C VAL A 265 30.77 6.46 -8.66
N TRP A 266 32.05 6.73 -8.87
CA TRP A 266 32.47 7.65 -9.93
C TRP A 266 32.89 7.01 -11.25
N ASP A 267 32.95 5.69 -11.29
CA ASP A 267 33.38 4.99 -12.50
C ASP A 267 32.25 4.42 -13.32
N PHE A 268 31.06 5.02 -13.22
CA PHE A 268 29.93 4.57 -14.00
C PHE A 268 28.81 5.56 -13.88
N ARG A 269 27.82 5.44 -14.76
CA ARG A 269 26.68 6.34 -14.77
C ARG A 269 25.46 5.55 -15.23
N LEU A 270 24.29 5.86 -14.68
CA LEU A 270 23.07 5.16 -15.07
C LEU A 270 22.49 5.81 -16.33
N ASP A 271 21.96 4.99 -17.23
CA ASP A 271 21.36 5.46 -18.48
C ASP A 271 20.00 6.10 -18.23
N LYS A 272 19.54 6.92 -19.18
CA LYS A 272 18.24 7.58 -19.06
C LYS A 272 17.18 6.52 -18.79
N ASP A 273 17.28 5.41 -19.52
CA ASP A 273 16.33 4.33 -19.36
C ASP A 273 16.44 3.64 -18.02
N GLU A 274 17.66 3.49 -17.53
CA GLU A 274 17.86 2.86 -16.24
C GLU A 274 17.30 3.76 -15.14
N LEU A 275 17.48 5.06 -15.28
CA LEU A 275 16.94 6.01 -14.30
C LEU A 275 15.41 5.90 -14.33
N GLY A 276 14.85 5.74 -15.52
CA GLY A 276 13.42 5.62 -15.66
C GLY A 276 12.87 4.40 -14.93
N GLU A 277 13.63 3.31 -14.97
CA GLU A 277 13.24 2.07 -14.30
C GLU A 277 13.23 2.25 -12.79
N ILE A 278 14.18 3.01 -12.26
CA ILE A 278 14.23 3.22 -10.82
C ILE A 278 13.10 4.14 -10.39
N ALA A 279 12.69 5.03 -11.29
CA ALA A 279 11.63 5.98 -11.02
C ALA A 279 10.32 5.30 -10.64
N LYS A 280 10.10 4.08 -11.14
CA LYS A 280 8.88 3.33 -10.84
C LYS A 280 8.81 2.86 -9.41
N LEU A 281 9.91 2.94 -8.67
CA LEU A 281 9.88 2.48 -7.28
C LEU A 281 9.21 3.45 -6.31
N ASP A 282 9.03 4.70 -6.74
CA ASP A 282 8.44 5.71 -5.88
C ASP A 282 7.10 5.27 -5.29
N GLN A 283 6.98 5.34 -3.98
CA GLN A 283 5.75 4.97 -3.28
C GLN A 283 5.30 6.12 -2.40
N GLY A 284 6.08 7.20 -2.39
CA GLY A 284 5.75 8.33 -1.54
C GLY A 284 5.78 7.85 -0.10
N LYS A 285 6.70 6.94 0.23
CA LYS A 285 6.80 6.37 1.58
C LYS A 285 7.83 7.04 2.47
N ARG A 286 7.36 7.82 3.43
CA ARG A 286 8.25 8.51 4.36
C ARG A 286 8.66 7.58 5.49
N LEU A 287 9.96 7.47 5.74
CA LEU A 287 10.47 6.60 6.79
C LEU A 287 10.89 7.35 8.04
N GLY A 288 11.29 8.61 7.86
CA GLY A 288 11.72 9.40 9.01
C GLY A 288 10.64 10.29 9.57
N PRO A 289 10.99 11.22 10.45
CA PRO A 289 10.04 12.15 11.07
C PRO A 289 9.32 13.02 10.04
N ASP A 290 8.12 13.44 10.41
CA ASP A 290 7.27 14.26 9.56
C ASP A 290 7.55 15.76 9.74
N PRO A 291 8.01 16.43 8.67
CA PRO A 291 8.34 17.87 8.66
C PRO A 291 7.24 18.76 9.24
N ASP A 292 6.00 18.40 8.97
CA ASP A 292 4.86 19.17 9.44
C ASP A 292 4.45 18.92 10.89
N GLN A 293 4.97 17.87 11.51
CA GLN A 293 4.59 17.57 12.88
C GLN A 293 5.75 17.49 13.87
N PHE A 294 6.94 17.16 13.38
CA PHE A 294 8.09 17.03 14.27
C PHE A 294 8.43 18.30 15.02
N GLY A 295 8.64 18.14 16.32
CA GLY A 295 8.96 19.25 17.20
C GLY A 295 7.72 19.88 17.83
N GLY A 296 6.55 19.53 17.31
CA GLY A 296 5.31 20.09 17.82
C GLY A 296 4.61 19.29 18.90
N GLY B 21 -2.63 2.61 2.91
CA GLY B 21 -3.21 1.28 2.65
C GLY B 21 -4.26 1.31 1.56
N LEU B 22 -3.81 1.44 0.31
CA LEU B 22 -4.72 1.48 -0.81
C LEU B 22 -5.07 0.05 -1.23
N ALA B 23 -5.78 -0.10 -2.35
CA ALA B 23 -6.21 -1.42 -2.81
C ALA B 23 -7.26 -1.95 -1.85
N ASN B 24 -8.35 -1.21 -1.70
CA ASN B 24 -9.44 -1.62 -0.82
C ASN B 24 -10.23 -2.74 -1.49
N PRO B 25 -10.92 -3.57 -0.69
CA PRO B 25 -11.72 -4.65 -1.27
C PRO B 25 -12.75 -4.03 -2.22
N THR B 26 -13.01 -4.71 -3.32
CA THR B 26 -13.95 -4.21 -4.30
C THR B 26 -15.40 -4.44 -3.91
N VAL B 27 -16.26 -3.48 -4.25
CA VAL B 27 -17.69 -3.58 -4.02
C VAL B 27 -18.34 -3.38 -5.41
N ILE B 28 -19.50 -3.98 -5.64
CA ILE B 28 -20.14 -3.84 -6.94
C ILE B 28 -21.59 -3.40 -6.81
N LYS B 29 -22.04 -2.60 -7.78
CA LYS B 29 -23.42 -2.11 -7.77
C LYS B 29 -24.33 -3.13 -8.43
N LEU B 30 -25.40 -3.53 -7.74
CA LEU B 30 -26.35 -4.46 -8.34
C LEU B 30 -27.35 -3.62 -9.14
N GLN B 31 -28.09 -4.27 -10.03
CA GLN B 31 -29.04 -3.60 -10.89
C GLN B 31 -30.08 -2.77 -10.14
N ASP B 32 -30.40 -3.14 -8.90
CA ASP B 32 -31.41 -2.38 -8.16
C ASP B 32 -30.80 -1.21 -7.38
N GLY B 33 -29.49 -0.99 -7.55
CA GLY B 33 -28.84 0.10 -6.85
C GLY B 33 -28.16 -0.30 -5.54
N ASN B 34 -28.49 -1.50 -5.04
CA ASN B 34 -27.90 -2.00 -3.81
C ASN B 34 -26.43 -2.30 -4.13
N VAL B 35 -25.55 -2.09 -3.15
CA VAL B 35 -24.13 -2.32 -3.38
C VAL B 35 -23.69 -3.49 -2.52
N MET B 36 -22.97 -4.41 -3.14
CA MET B 36 -22.53 -5.64 -2.48
C MET B 36 -21.02 -5.90 -2.54
N PRO B 37 -20.41 -6.27 -1.40
CA PRO B 37 -18.97 -6.55 -1.45
C PRO B 37 -18.73 -7.66 -2.48
N GLN B 38 -17.71 -7.54 -3.31
CA GLN B 38 -17.46 -8.58 -4.31
C GLN B 38 -16.96 -9.92 -3.76
N LEU B 39 -16.37 -9.92 -2.58
CA LEU B 39 -15.86 -11.16 -1.98
C LEU B 39 -16.54 -11.36 -0.62
N GLY B 40 -17.18 -12.51 -0.44
CA GLY B 40 -17.86 -12.80 0.83
C GLY B 40 -17.51 -14.16 1.39
N LEU B 41 -17.97 -14.43 2.61
CA LEU B 41 -17.71 -15.69 3.29
C LEU B 41 -18.88 -16.64 3.21
N GLY B 42 -18.61 -17.84 2.68
CA GLY B 42 -19.63 -18.85 2.59
C GLY B 42 -19.59 -19.75 3.81
N VAL B 43 -20.75 -19.95 4.42
CA VAL B 43 -20.87 -20.83 5.58
C VAL B 43 -21.93 -21.88 5.27
N TRP B 44 -21.49 -23.12 5.03
CA TRP B 44 -22.41 -24.21 4.75
C TRP B 44 -22.52 -25.07 5.98
N GLN B 45 -22.39 -26.38 5.81
CA GLN B 45 -22.47 -27.31 6.93
C GLN B 45 -21.43 -26.91 7.98
N ALA B 46 -21.81 -26.96 9.26
CA ALA B 46 -20.90 -26.61 10.36
C ALA B 46 -21.62 -26.46 11.68
N SER B 47 -20.89 -26.62 12.78
CA SER B 47 -21.48 -26.47 14.10
C SER B 47 -21.60 -24.97 14.39
N ASN B 48 -22.56 -24.60 15.25
CA ASN B 48 -22.74 -23.21 15.58
C ASN B 48 -21.49 -22.69 16.27
N GLU B 49 -20.68 -23.60 16.78
CA GLU B 49 -19.44 -23.22 17.43
C GLU B 49 -18.41 -22.89 16.35
N GLU B 50 -18.43 -23.66 15.27
CA GLU B 50 -17.51 -23.42 14.17
C GLU B 50 -17.90 -22.16 13.40
N VAL B 51 -19.20 -21.92 13.22
CA VAL B 51 -19.64 -20.74 12.49
C VAL B 51 -19.30 -19.47 13.26
N ILE B 52 -19.46 -19.49 14.58
CA ILE B 52 -19.15 -18.32 15.38
C ILE B 52 -17.67 -17.94 15.25
N THR B 53 -16.79 -18.93 15.32
CA THR B 53 -15.35 -18.69 15.20
C THR B 53 -14.99 -18.27 13.77
N ALA B 54 -15.68 -18.85 12.81
CA ALA B 54 -15.44 -18.53 11.41
C ALA B 54 -15.77 -17.07 11.11
N ILE B 55 -16.99 -16.66 11.45
CA ILE B 55 -17.43 -15.30 11.21
C ILE B 55 -16.63 -14.27 12.00
N GLN B 56 -16.27 -14.58 13.23
CA GLN B 56 -15.48 -13.63 14.02
C GLN B 56 -14.17 -13.39 13.28
N LYS B 57 -13.53 -14.47 12.84
CA LYS B 57 -12.28 -14.37 12.11
C LYS B 57 -12.51 -13.55 10.83
N ALA B 58 -13.56 -13.91 10.11
CA ALA B 58 -13.92 -13.23 8.84
C ALA B 58 -14.04 -11.73 8.99
N LEU B 59 -14.83 -11.27 9.97
CA LEU B 59 -15.03 -9.85 10.19
C LEU B 59 -13.73 -9.15 10.55
N GLU B 60 -12.91 -9.84 11.34
CA GLU B 60 -11.62 -9.34 11.79
C GLU B 60 -10.72 -9.08 10.58
N VAL B 61 -10.70 -10.03 9.66
CA VAL B 61 -9.89 -9.94 8.45
C VAL B 61 -10.38 -8.89 7.44
N GLY B 62 -11.67 -8.57 7.46
CA GLY B 62 -12.19 -7.58 6.53
C GLY B 62 -13.44 -7.96 5.73
N TYR B 63 -13.84 -9.22 5.78
CA TYR B 63 -15.03 -9.64 5.06
C TYR B 63 -16.17 -8.82 5.62
N ARG B 64 -17.06 -8.40 4.73
CA ARG B 64 -18.24 -7.63 5.12
C ARG B 64 -19.46 -8.29 4.51
N SER B 65 -19.23 -9.39 3.80
CA SER B 65 -20.28 -10.16 3.15
C SER B 65 -20.29 -11.57 3.74
N ILE B 66 -21.43 -11.99 4.30
CA ILE B 66 -21.57 -13.32 4.91
C ILE B 66 -22.74 -14.05 4.21
N ASP B 67 -22.49 -15.26 3.74
CA ASP B 67 -23.51 -16.00 3.00
C ASP B 67 -23.91 -17.28 3.71
N THR B 68 -25.19 -17.40 4.04
CA THR B 68 -25.67 -18.62 4.68
C THR B 68 -26.96 -19.10 4.01
N ALA B 69 -27.67 -20.03 4.64
CA ALA B 69 -28.90 -20.58 4.08
C ALA B 69 -29.69 -21.33 5.15
N ALA B 70 -31.00 -21.24 5.11
CA ALA B 70 -31.84 -21.93 6.08
C ALA B 70 -31.54 -23.43 6.07
N ALA B 71 -31.26 -23.99 4.89
CA ALA B 71 -30.95 -25.42 4.75
C ALA B 71 -29.80 -25.97 5.59
N TYR B 72 -28.84 -25.13 5.93
CA TYR B 72 -27.67 -25.58 6.69
C TYR B 72 -27.91 -25.66 8.18
N LYS B 73 -29.09 -25.24 8.62
CA LYS B 73 -29.44 -25.30 10.03
C LYS B 73 -28.46 -24.61 10.96
N ASN B 74 -27.82 -23.55 10.50
CA ASN B 74 -26.88 -22.84 11.37
C ASN B 74 -27.05 -21.33 11.43
N GLU B 75 -28.23 -20.83 11.05
CA GLU B 75 -28.46 -19.39 11.11
C GLU B 75 -28.43 -18.86 12.55
N GLU B 76 -28.75 -19.72 13.53
CA GLU B 76 -28.71 -19.27 14.93
C GLU B 76 -27.26 -18.94 15.29
N GLY B 77 -26.32 -19.77 14.82
CA GLY B 77 -24.92 -19.50 15.07
C GLY B 77 -24.47 -18.23 14.37
N VAL B 78 -24.83 -18.09 13.10
CA VAL B 78 -24.46 -16.91 12.33
C VAL B 78 -25.01 -15.68 13.06
N GLY B 79 -26.22 -15.80 13.58
CA GLY B 79 -26.83 -14.69 14.29
C GLY B 79 -26.06 -14.26 15.54
N LYS B 80 -25.60 -15.23 16.32
CA LYS B 80 -24.84 -14.94 17.53
C LYS B 80 -23.54 -14.22 17.17
N ALA B 81 -22.86 -14.72 16.14
CA ALA B 81 -21.61 -14.11 15.68
C ALA B 81 -21.80 -12.63 15.33
N LEU B 82 -22.86 -12.34 14.56
CA LEU B 82 -23.15 -10.98 14.15
C LEU B 82 -23.43 -10.12 15.37
N LYS B 83 -24.20 -10.64 16.32
CA LYS B 83 -24.47 -9.87 17.53
C LYS B 83 -23.15 -9.66 18.31
N ASN B 84 -22.28 -10.66 18.33
CA ASN B 84 -20.99 -10.58 19.02
C ASN B 84 -20.06 -9.52 18.42
N ALA B 85 -20.07 -9.42 17.10
CA ALA B 85 -19.23 -8.48 16.36
C ALA B 85 -19.30 -7.02 16.75
N SER B 86 -18.24 -6.30 16.45
CA SER B 86 -18.16 -4.87 16.75
C SER B 86 -18.58 -4.08 15.51
N VAL B 87 -18.57 -4.74 14.36
CA VAL B 87 -18.95 -4.09 13.11
C VAL B 87 -20.45 -3.84 13.13
N ASN B 88 -20.87 -2.62 12.81
CA ASN B 88 -22.29 -2.30 12.80
C ASN B 88 -22.99 -3.11 11.70
N ARG B 89 -24.18 -3.61 11.97
CA ARG B 89 -24.93 -4.41 11.00
C ARG B 89 -25.11 -3.65 9.69
N GLU B 90 -25.23 -2.32 9.77
CA GLU B 90 -25.39 -1.46 8.60
C GLU B 90 -24.23 -1.66 7.61
N GLU B 91 -23.06 -2.03 8.12
CA GLU B 91 -21.88 -2.26 7.30
C GLU B 91 -21.78 -3.69 6.77
N LEU B 92 -22.68 -4.56 7.22
CA LEU B 92 -22.66 -5.95 6.81
C LEU B 92 -23.68 -6.26 5.72
N PHE B 93 -23.30 -7.17 4.82
CA PHE B 93 -24.16 -7.61 3.74
C PHE B 93 -24.43 -9.09 4.02
N ILE B 94 -25.60 -9.38 4.58
CA ILE B 94 -25.95 -10.74 4.94
C ILE B 94 -26.89 -11.39 3.91
N THR B 95 -26.54 -12.60 3.49
CA THR B 95 -27.35 -13.33 2.51
C THR B 95 -27.82 -14.65 3.07
N THR B 96 -29.10 -14.96 2.90
CA THR B 96 -29.57 -16.27 3.31
C THR B 96 -30.47 -16.76 2.18
N LYS B 97 -30.91 -18.01 2.27
CA LYS B 97 -31.68 -18.60 1.18
C LYS B 97 -32.96 -19.30 1.58
N LEU B 98 -33.94 -19.24 0.68
CA LEU B 98 -35.24 -19.88 0.84
C LEU B 98 -35.09 -21.33 0.38
N TRP B 99 -35.33 -22.30 1.27
CA TRP B 99 -35.19 -23.71 0.92
C TRP B 99 -36.31 -24.26 0.03
N ASN B 100 -36.00 -25.35 -0.66
CA ASN B 100 -36.91 -26.02 -1.58
C ASN B 100 -38.33 -26.32 -1.13
N ASP B 101 -38.51 -26.83 0.09
CA ASP B 101 -39.87 -27.14 0.49
C ASP B 101 -40.65 -25.94 0.98
N ASP B 102 -40.07 -24.76 0.88
CA ASP B 102 -40.75 -23.55 1.33
C ASP B 102 -41.17 -22.60 0.22
N HIS B 103 -41.17 -23.08 -1.03
CA HIS B 103 -41.55 -22.24 -2.16
C HIS B 103 -42.95 -21.64 -2.09
N LYS B 104 -43.87 -22.33 -1.42
CA LYS B 104 -45.22 -21.82 -1.30
C LYS B 104 -45.45 -21.02 -0.02
N ARG B 105 -44.40 -20.86 0.79
CA ARG B 105 -44.53 -20.12 2.04
C ARG B 105 -43.27 -19.32 2.34
N PRO B 106 -42.81 -18.50 1.38
CA PRO B 106 -41.60 -17.71 1.61
C PRO B 106 -41.67 -16.74 2.78
N ARG B 107 -42.85 -16.23 3.08
CA ARG B 107 -42.96 -15.29 4.19
C ARG B 107 -42.59 -15.97 5.50
N GLU B 108 -43.16 -17.15 5.74
CA GLU B 108 -42.85 -17.91 6.95
C GLU B 108 -41.34 -18.20 6.97
N ALA B 109 -40.82 -18.69 5.85
CA ALA B 109 -39.41 -19.03 5.74
C ALA B 109 -38.46 -17.88 6.05
N LEU B 110 -38.77 -16.69 5.52
CA LEU B 110 -37.91 -15.54 5.76
C LEU B 110 -38.00 -15.08 7.22
N LEU B 111 -39.20 -15.03 7.77
CA LEU B 111 -39.34 -14.63 9.16
C LEU B 111 -38.57 -15.61 10.06
N ASP B 112 -38.63 -16.90 9.70
CA ASP B 112 -37.90 -17.93 10.44
C ASP B 112 -36.39 -17.62 10.40
N SER B 113 -35.87 -17.40 9.21
CA SER B 113 -34.44 -17.09 9.06
C SER B 113 -34.06 -15.80 9.79
N LEU B 114 -34.87 -14.76 9.66
CA LEU B 114 -34.55 -13.49 10.31
C LEU B 114 -34.51 -13.66 11.82
N LYS B 115 -35.44 -14.44 12.36
CA LYS B 115 -35.49 -14.68 13.80
C LYS B 115 -34.19 -15.33 14.27
N LYS B 116 -33.76 -16.39 13.58
CA LYS B 116 -32.53 -17.09 13.93
C LYS B 116 -31.30 -16.21 13.77
N LEU B 117 -31.29 -15.41 12.72
CA LEU B 117 -30.17 -14.52 12.43
C LEU B 117 -30.19 -13.27 13.33
N GLN B 118 -31.32 -13.07 14.00
CA GLN B 118 -31.52 -11.91 14.87
C GLN B 118 -31.39 -10.64 14.08
N LEU B 119 -32.07 -10.57 12.94
CA LEU B 119 -31.99 -9.40 12.08
C LEU B 119 -33.39 -8.87 11.75
N ASP B 120 -33.48 -7.57 11.46
CA ASP B 120 -34.74 -6.95 11.07
C ASP B 120 -35.01 -7.11 9.59
N TYR B 121 -33.95 -7.29 8.81
CA TYR B 121 -34.06 -7.43 7.35
C TYR B 121 -32.84 -8.17 6.84
N ILE B 122 -32.94 -8.72 5.64
CA ILE B 122 -31.82 -9.43 5.04
C ILE B 122 -31.37 -8.61 3.82
N ASP B 123 -30.06 -8.50 3.60
CA ASP B 123 -29.59 -7.71 2.46
C ASP B 123 -29.91 -8.36 1.13
N LEU B 124 -29.81 -9.67 1.10
CA LEU B 124 -30.09 -10.42 -0.13
C LEU B 124 -30.75 -11.75 0.25
N TYR B 125 -31.89 -12.04 -0.37
CA TYR B 125 -32.62 -13.28 -0.13
C TYR B 125 -32.65 -13.99 -1.47
N LEU B 126 -32.07 -15.19 -1.52
CA LEU B 126 -32.00 -15.98 -2.76
C LEU B 126 -32.82 -17.27 -2.69
N MET B 127 -33.44 -17.65 -3.80
CA MET B 127 -34.19 -18.90 -3.84
C MET B 127 -33.05 -19.93 -4.02
N HIS B 128 -32.95 -20.88 -3.09
CA HIS B 128 -31.88 -21.88 -3.13
C HIS B 128 -31.82 -22.72 -4.40
N TRP B 129 -32.96 -23.24 -4.84
CA TRP B 129 -33.06 -24.05 -6.06
C TRP B 129 -34.40 -23.81 -6.75
N PRO B 130 -34.44 -23.94 -8.08
CA PRO B 130 -35.71 -23.74 -8.78
C PRO B 130 -36.68 -24.91 -8.56
N VAL B 131 -36.14 -26.12 -8.49
CA VAL B 131 -36.94 -27.34 -8.34
C VAL B 131 -38.10 -27.37 -9.35
N PRO B 132 -37.74 -27.39 -10.65
CA PRO B 132 -38.76 -27.42 -11.71
C PRO B 132 -39.68 -28.63 -11.67
N ALA B 133 -39.28 -29.68 -10.98
CA ALA B 133 -40.11 -30.88 -10.89
C ALA B 133 -41.36 -30.59 -10.07
N ILE B 134 -41.25 -29.65 -9.12
CA ILE B 134 -42.38 -29.28 -8.29
C ILE B 134 -43.10 -28.11 -8.97
N ASP B 135 -42.31 -27.23 -9.58
CA ASP B 135 -42.78 -26.06 -10.29
C ASP B 135 -43.57 -25.04 -9.47
N HIS B 136 -42.98 -24.64 -8.35
CA HIS B 136 -43.58 -23.64 -7.49
C HIS B 136 -42.61 -22.47 -7.36
N TYR B 137 -41.59 -22.43 -8.21
CA TYR B 137 -40.61 -21.35 -8.11
C TYR B 137 -41.13 -20.00 -8.54
N VAL B 138 -42.12 -19.97 -9.42
CA VAL B 138 -42.72 -18.70 -9.83
C VAL B 138 -43.49 -18.14 -8.63
N GLU B 139 -44.19 -19.03 -7.93
CA GLU B 139 -44.95 -18.63 -6.74
C GLU B 139 -43.96 -18.11 -5.70
N ALA B 140 -42.85 -18.81 -5.56
CA ALA B 140 -41.83 -18.40 -4.60
C ALA B 140 -41.31 -17.00 -4.94
N TRP B 141 -41.06 -16.75 -6.23
CA TRP B 141 -40.56 -15.45 -6.65
C TRP B 141 -41.57 -14.33 -6.39
N LYS B 142 -42.83 -14.58 -6.71
CA LYS B 142 -43.86 -13.57 -6.47
C LYS B 142 -43.91 -13.22 -4.99
N GLY B 143 -43.75 -14.24 -4.15
CA GLY B 143 -43.74 -14.02 -2.71
C GLY B 143 -42.53 -13.19 -2.27
N MET B 144 -41.38 -13.46 -2.86
CA MET B 144 -40.17 -12.71 -2.50
C MET B 144 -40.30 -11.26 -2.95
N ILE B 145 -40.97 -11.04 -4.08
CA ILE B 145 -41.21 -9.69 -4.60
C ILE B 145 -42.01 -8.88 -3.57
N GLU B 146 -43.04 -9.50 -3.01
CA GLU B 146 -43.86 -8.83 -2.00
C GLU B 146 -43.09 -8.57 -0.72
N LEU B 147 -42.25 -9.52 -0.31
CA LEU B 147 -41.46 -9.36 0.92
C LEU B 147 -40.46 -8.22 0.79
N GLN B 148 -40.01 -8.00 -0.44
CA GLN B 148 -39.08 -6.92 -0.71
C GLN B 148 -39.85 -5.59 -0.63
N LYS B 149 -41.06 -5.55 -1.18
CA LYS B 149 -41.86 -4.33 -1.15
C LYS B 149 -42.11 -3.94 0.30
N GLU B 150 -42.25 -4.95 1.15
CA GLU B 150 -42.53 -4.75 2.56
C GLU B 150 -41.29 -4.28 3.35
N GLY B 151 -40.12 -4.35 2.73
CA GLY B 151 -38.90 -3.91 3.41
C GLY B 151 -38.16 -5.02 4.16
N LEU B 152 -38.68 -6.23 4.16
CA LEU B 152 -38.00 -7.32 4.85
C LEU B 152 -36.75 -7.78 4.09
N ILE B 153 -36.65 -7.41 2.82
CA ILE B 153 -35.52 -7.79 1.99
C ILE B 153 -35.05 -6.56 1.19
N LYS B 154 -33.73 -6.38 1.06
CA LYS B 154 -33.22 -5.26 0.25
C LYS B 154 -33.17 -5.68 -1.22
N SER B 155 -32.43 -6.75 -1.51
CA SER B 155 -32.30 -7.27 -2.86
C SER B 155 -32.79 -8.71 -2.96
N ILE B 156 -33.36 -9.10 -4.09
CA ILE B 156 -33.81 -10.47 -4.28
C ILE B 156 -33.11 -11.09 -5.47
N GLY B 157 -32.77 -12.37 -5.33
CA GLY B 157 -32.09 -13.08 -6.39
C GLY B 157 -32.36 -14.57 -6.30
N VAL B 158 -31.58 -15.34 -7.04
CA VAL B 158 -31.73 -16.78 -7.05
C VAL B 158 -30.39 -17.48 -7.08
N CYS B 159 -30.45 -18.80 -6.89
CA CYS B 159 -29.28 -19.68 -6.96
C CYS B 159 -29.66 -20.80 -7.92
N ASN B 160 -28.67 -21.28 -8.67
CA ASN B 160 -28.85 -22.40 -9.58
C ASN B 160 -29.98 -22.30 -10.57
N PHE B 161 -30.23 -21.11 -11.11
CA PHE B 161 -31.27 -20.91 -12.11
C PHE B 161 -30.63 -20.94 -13.49
N GLN B 162 -31.22 -21.72 -14.39
CA GLN B 162 -30.72 -21.81 -15.76
C GLN B 162 -31.46 -20.73 -16.54
N ILE B 163 -31.00 -20.43 -17.74
CA ILE B 163 -31.64 -19.44 -18.58
C ILE B 163 -33.16 -19.61 -18.72
N HIS B 164 -33.65 -20.82 -18.95
CA HIS B 164 -35.11 -20.97 -19.10
C HIS B 164 -35.89 -20.71 -17.79
N HIS B 165 -35.26 -20.93 -16.64
CA HIS B 165 -35.95 -20.66 -15.38
C HIS B 165 -36.05 -19.12 -15.24
N LEU B 166 -34.97 -18.43 -15.58
CA LEU B 166 -34.96 -16.97 -15.48
C LEU B 166 -35.97 -16.34 -16.42
N GLN B 167 -36.02 -16.85 -17.65
CA GLN B 167 -36.97 -16.35 -18.65
C GLN B 167 -38.40 -16.49 -18.12
N ARG B 168 -38.66 -17.60 -17.43
CA ARG B 168 -39.97 -17.89 -16.85
C ARG B 168 -40.29 -16.81 -15.79
N LEU B 169 -39.35 -16.54 -14.90
CA LEU B 169 -39.56 -15.52 -13.87
C LEU B 169 -39.83 -14.14 -14.49
N ILE B 170 -39.02 -13.79 -15.50
CA ILE B 170 -39.15 -12.49 -16.13
C ILE B 170 -40.48 -12.37 -16.87
N ASP B 171 -40.81 -13.40 -17.65
CA ASP B 171 -42.07 -13.40 -18.39
C ASP B 171 -43.30 -13.35 -17.47
N GLU B 172 -43.27 -14.10 -16.37
CA GLU B 172 -44.42 -14.11 -15.49
C GLU B 172 -44.55 -13.03 -14.41
N THR B 173 -43.46 -12.35 -14.06
CA THR B 173 -43.54 -11.33 -13.02
C THR B 173 -42.97 -9.98 -13.41
N GLY B 174 -42.17 -9.95 -14.48
CA GLY B 174 -41.58 -8.69 -14.90
C GLY B 174 -40.43 -8.25 -14.00
N VAL B 175 -40.11 -9.06 -12.99
CA VAL B 175 -39.01 -8.71 -12.09
C VAL B 175 -37.84 -9.68 -12.31
N THR B 176 -36.67 -9.11 -12.61
CA THR B 176 -35.47 -9.88 -12.85
C THR B 176 -34.61 -9.98 -11.59
N PRO B 177 -34.04 -11.16 -11.32
CA PRO B 177 -33.17 -11.34 -10.13
C PRO B 177 -31.97 -10.41 -10.29
N VAL B 178 -31.43 -9.87 -9.20
CA VAL B 178 -30.23 -9.05 -9.35
C VAL B 178 -28.99 -9.93 -9.17
N ILE B 179 -29.21 -11.13 -8.66
CA ILE B 179 -28.11 -12.07 -8.40
C ILE B 179 -28.52 -13.49 -8.85
N ASN B 180 -27.59 -14.22 -9.44
CA ASN B 180 -27.81 -15.62 -9.79
C ASN B 180 -26.55 -16.32 -9.28
N GLN B 181 -26.67 -17.00 -8.14
CA GLN B 181 -25.52 -17.67 -7.52
C GLN B 181 -25.45 -19.08 -8.05
N ILE B 182 -24.40 -19.36 -8.81
CA ILE B 182 -24.24 -20.67 -9.44
C ILE B 182 -22.88 -21.31 -9.23
N GLU B 183 -22.82 -22.63 -9.42
CA GLU B 183 -21.55 -23.33 -9.31
C GLU B 183 -20.70 -22.80 -10.45
N LEU B 184 -19.54 -22.24 -10.10
CA LEU B 184 -18.66 -21.71 -11.11
C LEU B 184 -17.23 -21.74 -10.57
N HIS B 185 -16.34 -22.39 -11.32
CA HIS B 185 -14.95 -22.51 -10.96
C HIS B 185 -14.21 -22.76 -12.27
N PRO B 186 -12.87 -22.89 -12.23
CA PRO B 186 -12.12 -23.10 -13.47
C PRO B 186 -12.48 -24.33 -14.33
N LEU B 187 -13.12 -25.35 -13.78
CA LEU B 187 -13.48 -26.54 -14.57
C LEU B 187 -14.88 -26.42 -15.19
N MET B 188 -15.61 -25.37 -14.81
CA MET B 188 -16.93 -25.10 -15.37
C MET B 188 -17.12 -23.59 -15.19
N GLN B 189 -16.60 -22.87 -16.18
CA GLN B 189 -16.61 -21.41 -16.16
C GLN B 189 -17.94 -20.75 -16.56
N GLN B 190 -18.94 -21.56 -16.89
CA GLN B 190 -20.27 -21.06 -17.23
C GLN B 190 -20.24 -19.81 -18.14
N ARG B 191 -19.48 -19.86 -19.24
CA ARG B 191 -19.38 -18.70 -20.14
C ARG B 191 -20.77 -18.30 -20.66
N GLN B 192 -21.60 -19.28 -21.01
CA GLN B 192 -22.93 -18.97 -21.55
C GLN B 192 -23.89 -18.31 -20.54
N LEU B 193 -24.05 -18.91 -19.36
CA LEU B 193 -24.95 -18.38 -18.35
C LEU B 193 -24.40 -17.07 -17.81
N HIS B 194 -23.09 -16.97 -17.69
CA HIS B 194 -22.49 -15.73 -17.19
C HIS B 194 -22.88 -14.60 -18.18
N ALA B 195 -22.68 -14.85 -19.47
CA ALA B 195 -23.00 -13.85 -20.49
C ALA B 195 -24.48 -13.54 -20.52
N TRP B 196 -25.33 -14.54 -20.34
CA TRP B 196 -26.77 -14.32 -20.36
C TRP B 196 -27.15 -13.46 -19.17
N ASN B 197 -26.66 -13.84 -17.99
CA ASN B 197 -26.93 -13.10 -16.75
C ASN B 197 -26.61 -11.63 -16.95
N ALA B 198 -25.37 -11.35 -17.36
CA ALA B 198 -24.88 -10.00 -17.57
C ALA B 198 -25.73 -9.21 -18.56
N THR B 199 -26.04 -9.83 -19.68
CA THR B 199 -26.84 -9.21 -20.73
C THR B 199 -28.18 -8.79 -20.17
N HIS B 200 -28.74 -9.58 -19.25
CA HIS B 200 -30.02 -9.26 -18.64
C HIS B 200 -29.90 -8.55 -17.29
N LYS B 201 -28.75 -7.94 -17.07
CA LYS B 201 -28.47 -7.18 -15.85
C LYS B 201 -28.62 -7.98 -14.57
N ILE B 202 -28.08 -9.19 -14.60
CA ILE B 202 -28.11 -10.08 -13.46
C ILE B 202 -26.65 -10.28 -13.09
N GLN B 203 -26.30 -10.04 -11.83
CA GLN B 203 -24.91 -10.24 -11.42
C GLN B 203 -24.68 -11.71 -11.10
N THR B 204 -23.68 -12.30 -11.75
CA THR B 204 -23.36 -13.71 -11.52
C THR B 204 -22.51 -13.83 -10.24
N GLU B 205 -22.86 -14.78 -9.37
CA GLU B 205 -22.11 -15.01 -8.14
C GLU B 205 -21.68 -16.48 -8.09
N SER B 206 -20.41 -16.74 -7.79
CA SER B 206 -19.87 -18.09 -7.77
C SER B 206 -19.89 -18.90 -6.47
N TRP B 207 -20.52 -20.08 -6.46
CA TRP B 207 -20.39 -20.94 -5.27
C TRP B 207 -19.42 -22.05 -5.68
N SER B 208 -18.79 -22.70 -4.72
CA SER B 208 -17.76 -23.70 -5.02
C SER B 208 -16.70 -23.05 -5.92
N PRO B 209 -16.34 -21.78 -5.67
CA PRO B 209 -15.35 -21.13 -6.53
C PRO B 209 -14.02 -21.86 -6.66
N LEU B 210 -13.70 -22.69 -5.67
CA LEU B 210 -12.45 -23.43 -5.68
C LEU B 210 -12.64 -24.86 -6.16
N ALA B 211 -13.79 -25.14 -6.77
CA ALA B 211 -14.10 -26.46 -7.31
C ALA B 211 -13.87 -27.59 -6.29
N GLN B 212 -14.39 -27.42 -5.09
CA GLN B 212 -14.23 -28.45 -4.08
C GLN B 212 -12.77 -28.86 -3.86
N GLY B 213 -12.06 -28.12 -3.01
CA GLY B 213 -10.68 -28.45 -2.72
C GLY B 213 -9.62 -28.31 -3.80
N GLY B 214 -9.92 -27.65 -4.91
CA GLY B 214 -8.93 -27.46 -5.96
C GLY B 214 -8.55 -28.67 -6.79
N LYS B 215 -9.22 -29.78 -6.56
CA LYS B 215 -8.95 -31.00 -7.29
C LYS B 215 -9.01 -30.73 -8.81
N GLY B 216 -7.90 -30.99 -9.50
CA GLY B 216 -7.86 -30.78 -10.94
C GLY B 216 -7.60 -29.33 -11.33
N VAL B 217 -7.39 -28.47 -10.33
CA VAL B 217 -7.15 -27.06 -10.57
C VAL B 217 -5.82 -26.60 -9.94
N PHE B 218 -5.70 -26.75 -8.64
CA PHE B 218 -4.48 -26.33 -7.93
C PHE B 218 -3.21 -26.94 -8.49
N ASP B 219 -3.32 -28.15 -9.03
CA ASP B 219 -2.16 -28.84 -9.57
C ASP B 219 -1.91 -28.56 -11.06
N GLN B 220 -2.70 -27.68 -11.67
CA GLN B 220 -2.51 -27.35 -13.07
C GLN B 220 -1.37 -26.36 -13.19
N LYS B 221 -0.49 -26.57 -14.17
CA LYS B 221 0.66 -25.69 -14.36
C LYS B 221 0.35 -24.21 -14.41
N VAL B 222 -0.75 -23.85 -15.06
CA VAL B 222 -1.09 -22.44 -15.15
C VAL B 222 -1.27 -21.84 -13.75
N ILE B 223 -1.97 -22.54 -12.88
CA ILE B 223 -2.22 -22.07 -11.54
C ILE B 223 -0.95 -22.10 -10.68
N ARG B 224 -0.19 -23.19 -10.78
CA ARG B 224 1.05 -23.31 -10.01
C ARG B 224 2.04 -22.23 -10.41
N ASP B 225 2.12 -21.91 -11.70
CA ASP B 225 3.05 -20.87 -12.15
C ASP B 225 2.60 -19.48 -11.70
N LEU B 226 1.30 -19.25 -11.67
CA LEU B 226 0.78 -17.96 -11.24
C LEU B 226 1.02 -17.81 -9.73
N ALA B 227 0.88 -18.90 -8.98
CA ALA B 227 1.09 -18.87 -7.54
C ALA B 227 2.54 -18.48 -7.24
N ASP B 228 3.49 -19.14 -7.91
CA ASP B 228 4.90 -18.86 -7.72
C ASP B 228 5.23 -17.42 -8.12
N LYS B 229 4.68 -16.95 -9.24
CA LYS B 229 4.95 -15.59 -9.69
C LYS B 229 4.53 -14.53 -8.69
N TYR B 230 3.32 -14.64 -8.19
CA TYR B 230 2.80 -13.65 -7.26
C TYR B 230 3.06 -13.92 -5.79
N GLY B 231 3.66 -15.07 -5.48
CA GLY B 231 3.91 -15.38 -4.09
C GLY B 231 2.58 -15.62 -3.38
N LYS B 232 1.65 -16.30 -4.07
CA LYS B 232 0.32 -16.55 -3.53
C LYS B 232 -0.02 -18.03 -3.61
N THR B 233 -0.98 -18.46 -2.81
CA THR B 233 -1.39 -19.86 -2.84
C THR B 233 -2.30 -20.08 -4.07
N PRO B 234 -2.43 -21.33 -4.51
CA PRO B 234 -3.29 -21.63 -5.66
C PRO B 234 -4.70 -21.07 -5.45
N ALA B 235 -5.24 -21.26 -4.25
CA ALA B 235 -6.58 -20.79 -3.91
C ALA B 235 -6.73 -19.27 -4.10
N GLN B 236 -5.72 -18.50 -3.70
CA GLN B 236 -5.79 -17.05 -3.84
C GLN B 236 -5.75 -16.67 -5.32
N ILE B 237 -5.03 -17.46 -6.12
CA ILE B 237 -4.94 -17.20 -7.54
C ILE B 237 -6.32 -17.41 -8.17
N VAL B 238 -6.98 -18.51 -7.81
CA VAL B 238 -8.30 -18.84 -8.34
C VAL B 238 -9.32 -17.77 -7.94
N ILE B 239 -9.30 -17.39 -6.68
CA ILE B 239 -10.21 -16.36 -6.20
C ILE B 239 -9.96 -15.07 -6.99
N ARG B 240 -8.69 -14.72 -7.20
CA ARG B 240 -8.38 -13.49 -7.95
C ARG B 240 -8.93 -13.64 -9.37
N TRP B 241 -8.94 -14.86 -9.88
CA TRP B 241 -9.48 -15.07 -11.23
C TRP B 241 -10.98 -14.72 -11.25
N HIS B 242 -11.71 -15.14 -10.21
CA HIS B 242 -13.15 -14.83 -10.11
C HIS B 242 -13.32 -13.30 -10.08
N LEU B 243 -12.58 -12.66 -9.20
CA LEU B 243 -12.65 -11.22 -9.03
C LEU B 243 -12.39 -10.47 -10.34
N ASP B 244 -11.33 -10.85 -11.04
CA ASP B 244 -10.98 -10.19 -12.29
C ASP B 244 -11.92 -10.59 -13.43
N SER B 245 -12.79 -11.57 -13.20
CA SER B 245 -13.77 -11.97 -14.21
C SER B 245 -15.07 -11.20 -14.00
N GLY B 246 -15.07 -10.31 -13.01
CA GLY B 246 -16.26 -9.53 -12.72
C GLY B 246 -17.32 -10.32 -11.98
N LEU B 247 -16.89 -11.38 -11.29
CA LEU B 247 -17.82 -12.21 -10.55
C LEU B 247 -17.83 -11.91 -9.06
N VAL B 248 -18.99 -12.13 -8.43
CA VAL B 248 -19.08 -11.98 -7.00
C VAL B 248 -18.69 -13.41 -6.60
N VAL B 249 -17.88 -13.56 -5.56
CA VAL B 249 -17.44 -14.89 -5.19
C VAL B 249 -17.54 -15.16 -3.70
N ILE B 250 -17.98 -16.37 -3.38
CA ILE B 250 -18.20 -16.81 -2.01
C ILE B 250 -17.42 -18.08 -1.65
N PRO B 251 -16.16 -17.95 -1.24
CA PRO B 251 -15.40 -19.15 -0.87
C PRO B 251 -16.01 -19.66 0.42
N LYS B 252 -16.27 -20.96 0.50
CA LYS B 252 -16.86 -21.55 1.70
C LYS B 252 -15.79 -22.11 2.63
N SER B 253 -15.87 -21.76 3.90
CA SER B 253 -14.91 -22.25 4.89
C SER B 253 -15.22 -21.81 6.32
N VAL B 254 -14.82 -22.65 7.28
CA VAL B 254 -15.00 -22.33 8.68
C VAL B 254 -13.66 -22.50 9.41
N THR B 255 -12.57 -22.61 8.64
CA THR B 255 -11.22 -22.76 9.19
C THR B 255 -10.57 -21.39 9.18
N PRO B 256 -10.35 -20.78 10.36
CA PRO B 256 -9.74 -19.45 10.41
C PRO B 256 -8.55 -19.19 9.47
N SER B 257 -7.60 -20.11 9.41
CA SER B 257 -6.44 -19.87 8.55
C SER B 257 -6.82 -19.81 7.07
N ARG B 258 -7.76 -20.63 6.64
CA ARG B 258 -8.19 -20.60 5.23
C ARG B 258 -9.00 -19.34 4.96
N ILE B 259 -9.80 -18.93 5.94
CA ILE B 259 -10.62 -17.74 5.82
C ILE B 259 -9.74 -16.51 5.57
N ALA B 260 -8.58 -16.47 6.22
CA ALA B 260 -7.65 -15.35 6.07
C ALA B 260 -6.96 -15.44 4.71
N GLU B 261 -6.52 -16.64 4.35
CA GLU B 261 -5.84 -16.86 3.08
C GLU B 261 -6.72 -16.43 1.91
N ASN B 262 -8.01 -16.75 1.97
CA ASN B 262 -8.95 -16.42 0.92
C ASN B 262 -9.22 -14.92 0.71
N PHE B 263 -8.95 -14.12 1.75
CA PHE B 263 -9.19 -12.68 1.64
C PHE B 263 -7.94 -11.90 1.22
N ASP B 264 -6.78 -12.55 1.30
CA ASP B 264 -5.50 -11.91 0.95
C ASP B 264 -5.32 -11.92 -0.57
N VAL B 265 -6.21 -11.22 -1.26
CA VAL B 265 -6.16 -11.19 -2.71
C VAL B 265 -6.26 -9.77 -3.27
N TRP B 266 -6.11 -8.77 -2.42
CA TRP B 266 -6.23 -7.38 -2.83
C TRP B 266 -4.95 -6.64 -3.20
N ASP B 267 -3.81 -7.29 -3.11
CA ASP B 267 -2.56 -6.61 -3.44
C ASP B 267 -2.00 -7.03 -4.79
N PHE B 268 -2.82 -7.68 -5.61
CA PHE B 268 -2.38 -8.09 -6.93
C PHE B 268 -3.56 -8.27 -7.85
N ARG B 269 -3.28 -8.33 -9.15
CA ARG B 269 -4.33 -8.51 -10.13
C ARG B 269 -3.74 -9.28 -11.29
N LEU B 270 -4.53 -10.18 -11.87
CA LEU B 270 -4.08 -10.98 -12.98
C LEU B 270 -4.13 -10.18 -14.29
N ASP B 271 -3.06 -10.26 -15.07
CA ASP B 271 -3.01 -9.56 -16.35
C ASP B 271 -3.93 -10.28 -17.33
N LYS B 272 -4.20 -9.60 -18.44
CA LYS B 272 -5.08 -10.12 -19.48
C LYS B 272 -4.71 -11.52 -19.94
N ASP B 273 -3.46 -11.71 -20.35
CA ASP B 273 -3.02 -13.01 -20.84
C ASP B 273 -3.11 -14.12 -19.80
N GLU B 274 -2.92 -13.79 -18.53
CA GLU B 274 -3.00 -14.79 -17.47
C GLU B 274 -4.46 -15.27 -17.33
N LEU B 275 -5.41 -14.34 -17.42
CA LEU B 275 -6.82 -14.72 -17.32
C LEU B 275 -7.11 -15.65 -18.51
N GLY B 276 -6.49 -15.35 -19.66
CA GLY B 276 -6.68 -16.16 -20.84
C GLY B 276 -6.24 -17.60 -20.65
N GLU B 277 -5.11 -17.77 -19.98
CA GLU B 277 -4.56 -19.09 -19.70
C GLU B 277 -5.49 -19.91 -18.80
N ILE B 278 -6.12 -19.24 -17.84
CA ILE B 278 -7.03 -19.92 -16.93
C ILE B 278 -8.29 -20.30 -17.71
N ALA B 279 -8.67 -19.45 -18.65
CA ALA B 279 -9.88 -19.73 -19.43
C ALA B 279 -9.82 -21.11 -20.08
N LYS B 280 -8.60 -21.56 -20.38
CA LYS B 280 -8.35 -22.86 -21.01
C LYS B 280 -8.76 -24.07 -20.20
N LEU B 281 -8.91 -23.89 -18.89
CA LEU B 281 -9.27 -24.98 -18.00
C LEU B 281 -10.74 -25.40 -18.08
N ASP B 282 -11.60 -24.56 -18.66
CA ASP B 282 -13.03 -24.89 -18.73
C ASP B 282 -13.28 -26.26 -19.35
N GLN B 283 -14.02 -27.09 -18.63
CA GLN B 283 -14.37 -28.45 -19.06
C GLN B 283 -15.87 -28.67 -19.02
N GLY B 284 -16.60 -27.70 -18.50
CA GLY B 284 -18.04 -27.86 -18.38
C GLY B 284 -18.29 -28.97 -17.37
N LYS B 285 -17.37 -29.14 -16.42
CA LYS B 285 -17.51 -30.20 -15.42
C LYS B 285 -18.25 -29.77 -14.15
N ARG B 286 -19.50 -30.20 -14.01
CA ARG B 286 -20.30 -29.83 -12.85
C ARG B 286 -20.06 -30.81 -11.70
N LEU B 287 -19.74 -30.28 -10.53
CA LEU B 287 -19.49 -31.11 -9.35
C LEU B 287 -20.74 -31.20 -8.49
N GLY B 288 -21.58 -30.18 -8.54
CA GLY B 288 -22.78 -30.20 -7.73
C GLY B 288 -23.98 -30.75 -8.48
N PRO B 289 -25.17 -30.69 -7.85
CA PRO B 289 -26.38 -31.20 -8.52
C PRO B 289 -26.77 -30.35 -9.73
N ASP B 290 -27.53 -30.94 -10.65
CA ASP B 290 -27.97 -30.22 -11.83
C ASP B 290 -29.22 -29.46 -11.41
N PRO B 291 -29.32 -28.19 -11.79
CA PRO B 291 -30.45 -27.32 -11.47
C PRO B 291 -31.83 -27.88 -11.82
N ASP B 292 -31.94 -28.56 -12.96
CA ASP B 292 -33.23 -29.11 -13.38
C ASP B 292 -33.58 -30.45 -12.74
N GLN B 293 -32.59 -31.20 -12.28
CA GLN B 293 -32.84 -32.48 -11.66
C GLN B 293 -33.02 -32.44 -10.14
N PHE B 294 -32.36 -31.49 -9.47
CA PHE B 294 -32.41 -31.43 -8.03
C PHE B 294 -33.77 -31.15 -7.40
N GLY B 295 -34.13 -31.98 -6.42
CA GLY B 295 -35.40 -31.84 -5.72
C GLY B 295 -36.53 -32.56 -6.42
N GLY B 296 -37.75 -32.40 -5.91
CA GLY B 296 -38.90 -33.04 -6.53
C GLY B 296 -39.70 -33.96 -5.62
P PO4 C . 21.64 6.20 4.72
O1 PO4 C . 22.77 6.01 3.77
O2 PO4 C . 21.67 5.11 5.75
O3 PO4 C . 21.77 7.52 5.38
O4 PO4 C . 20.35 6.13 3.97
P PO4 D . 26.49 1.75 9.22
O1 PO4 D . 27.74 2.07 9.94
O2 PO4 D . 26.03 0.39 9.58
O3 PO4 D . 25.44 2.74 9.60
O4 PO4 D . 26.71 1.82 7.75
C1 GOL E . 15.91 13.45 13.68
O1 GOL E . 15.55 12.89 15.16
C2 GOL E . 16.43 14.70 13.42
O2 GOL E . 16.07 15.57 14.39
C3 GOL E . 17.10 14.69 12.41
O3 GOL E . 17.81 14.17 11.11
C1 GOL F . 17.10 14.48 17.62
O1 GOL F . 17.42 14.14 16.08
C2 GOL F . 17.98 14.18 18.65
O2 GOL F . 18.90 13.25 18.25
C3 GOL F . 17.68 14.82 19.66
O3 GOL F . 16.92 15.81 20.64
P PO4 G . -15.08 -23.60 -2.07
O1 PO4 G . -14.20 -22.41 -1.90
O2 PO4 G . -14.62 -24.68 -1.15
O3 PO4 G . -16.47 -23.22 -1.75
O4 PO4 G . -15.00 -24.08 -3.48
P PO4 H . -19.27 -22.94 -21.52
O1 PO4 H . -18.36 -22.28 -20.53
O2 PO4 H . -19.77 -24.21 -20.94
O3 PO4 H . -20.42 -22.04 -21.82
O4 PO4 H . -18.52 -23.22 -22.78
P PO4 I . -46.29 -16.06 1.26
O1 PO4 I . -45.39 -15.29 0.37
O2 PO4 I . -45.47 -16.89 2.20
O3 PO4 I . -47.14 -15.12 2.04
O4 PO4 I . -47.16 -16.96 0.44
#